data_6MQU
#
_entry.id   6MQU
#
_cell.length_a   124.230
_cell.length_b   124.230
_cell.length_c   51.940
_cell.angle_alpha   90.00
_cell.angle_beta   90.00
_cell.angle_gamma   90.00
#
_symmetry.space_group_name_H-M   'I 41'
#
loop_
_entity.id
_entity.type
_entity.pdbx_description
1 polymer 'PL5, designed TM pentamer'
2 water water
#
_entity_poly.entity_id   1
_entity_poly.type   'polypeptide(L)'
_entity_poly.pdbx_seq_one_letter_code
;DPEQLKWISFCLFLICLLLLCIIFMLYRG(DAR)GS(NH2)
;
_entity_poly.pdbx_strand_id   A,B,C,D,E,F,G,H,I,J
#
loop_
_chem_comp.id
_chem_comp.type
_chem_comp.name
_chem_comp.formula
NH2 non-polymer 'AMINO GROUP' 'H2 N'
#
# COMPACT_ATOMS: atom_id res chain seq x y z
N GLU A 3 -14.36 0.39 -14.50
CA GLU A 3 -13.54 1.33 -13.73
C GLU A 3 -13.16 0.73 -12.38
N GLN A 4 -14.18 0.33 -11.60
CA GLN A 4 -13.90 -0.36 -10.34
C GLN A 4 -13.16 -1.67 -10.57
N LEU A 5 -13.31 -2.29 -11.76
CA LEU A 5 -12.57 -3.52 -12.04
C LEU A 5 -11.06 -3.30 -11.97
N LYS A 6 -10.58 -2.17 -12.51
CA LYS A 6 -9.15 -1.92 -12.52
C LYS A 6 -8.64 -1.58 -11.12
N TRP A 7 -9.43 -0.81 -10.35
CA TRP A 7 -9.07 -0.59 -8.95
C TRP A 7 -8.83 -1.92 -8.25
N ILE A 8 -9.83 -2.81 -8.29
CA ILE A 8 -9.71 -4.15 -7.71
C ILE A 8 -8.42 -4.82 -8.16
N SER A 9 -8.15 -4.80 -9.47
CA SER A 9 -6.94 -5.41 -9.98
C SER A 9 -5.70 -4.73 -9.43
N PHE A 10 -5.75 -3.42 -9.20
CA PHE A 10 -4.62 -2.78 -8.56
C PHE A 10 -4.38 -3.35 -7.16
N CYS A 11 -5.32 -3.09 -6.25
CA CYS A 11 -5.34 -3.66 -4.90
C CYS A 11 -4.80 -5.07 -4.80
N LEU A 12 -5.18 -5.95 -5.74
CA LEU A 12 -4.79 -7.35 -5.66
C LEU A 12 -3.30 -7.53 -5.90
N PHE A 13 -2.79 -7.01 -7.02
CA PHE A 13 -1.35 -6.91 -7.24
C PHE A 13 -0.63 -6.36 -5.99
N LEU A 14 -1.21 -5.36 -5.35
CA LEU A 14 -0.61 -4.78 -4.14
C LEU A 14 -0.59 -5.80 -3.00
N ILE A 15 -1.74 -6.44 -2.73
CA ILE A 15 -1.81 -7.46 -1.69
C ILE A 15 -0.82 -8.57 -1.96
N CYS A 16 -0.58 -8.90 -3.23
CA CYS A 16 0.47 -9.85 -3.59
C CYS A 16 1.83 -9.36 -3.12
N LEU A 17 2.21 -8.14 -3.51
CA LEU A 17 3.51 -7.62 -3.14
C LEU A 17 3.63 -7.51 -1.62
N LEU A 18 2.55 -7.12 -0.94
CA LEU A 18 2.59 -6.99 0.51
C LEU A 18 2.77 -8.34 1.18
N LEU A 19 1.89 -9.30 0.87
CA LEU A 19 2.11 -10.68 1.29
C LEU A 19 3.53 -11.14 0.97
N LEU A 20 3.95 -10.89 -0.28
CA LEU A 20 5.28 -11.27 -0.71
C LEU A 20 6.33 -10.62 0.19
N CYS A 21 6.07 -9.38 0.59
CA CYS A 21 6.98 -8.66 1.46
C CYS A 21 6.98 -9.29 2.84
N ILE A 22 5.81 -9.74 3.28
CA ILE A 22 5.68 -10.38 4.58
C ILE A 22 6.53 -11.64 4.64
N ILE A 23 6.54 -12.38 3.54
CA ILE A 23 7.32 -13.61 3.46
C ILE A 23 8.80 -13.31 3.61
N PHE A 24 9.21 -12.11 3.20
CA PHE A 24 10.62 -11.72 3.32
C PHE A 24 10.99 -11.37 4.75
N MET A 25 10.11 -10.67 5.46
CA MET A 25 10.33 -10.39 6.87
C MET A 25 10.43 -11.67 7.70
N LEU A 26 9.59 -12.66 7.40
CA LEU A 26 9.61 -13.85 8.22
C LEU A 26 10.91 -14.62 8.05
N TYR A 27 11.37 -14.76 6.80
CA TYR A 27 12.60 -15.48 6.51
C TYR A 27 13.81 -14.71 7.03
N ARG A 28 13.62 -13.44 7.35
CA ARG A 28 14.70 -12.61 7.87
C ARG A 28 15.07 -12.99 9.29
N GLY A 29 14.06 -13.34 10.09
CA GLY A 29 14.27 -13.73 11.46
C GLY A 29 13.05 -14.38 12.09
N GLU B 3 -10.92 -9.16 -19.77
CA GLU B 3 -9.54 -9.62 -19.64
C GLU B 3 -8.90 -8.95 -18.42
N GLN B 4 -9.58 -7.94 -17.88
CA GLN B 4 -9.26 -7.51 -16.53
C GLN B 4 -9.49 -8.62 -15.52
N LEU B 5 -10.52 -9.46 -15.76
CA LEU B 5 -10.81 -10.55 -14.84
C LEU B 5 -9.71 -11.59 -14.84
N LYS B 6 -9.07 -11.84 -15.98
CA LYS B 6 -8.01 -12.84 -16.03
C LYS B 6 -6.95 -12.56 -14.99
N TRP B 7 -6.55 -11.28 -14.83
CA TRP B 7 -5.46 -10.94 -13.92
C TRP B 7 -5.91 -11.09 -12.46
N ILE B 8 -7.12 -10.64 -12.15
CA ILE B 8 -7.68 -10.88 -10.81
C ILE B 8 -7.60 -12.36 -10.47
N SER B 9 -7.90 -13.22 -11.44
CA SER B 9 -7.88 -14.66 -11.21
C SER B 9 -6.46 -15.18 -11.03
N PHE B 10 -5.52 -14.68 -11.83
CA PHE B 10 -4.14 -15.04 -11.57
C PHE B 10 -3.64 -14.48 -10.23
N CYS B 11 -4.16 -13.34 -9.79
CA CYS B 11 -3.70 -12.74 -8.54
C CYS B 11 -4.19 -13.51 -7.34
N LEU B 12 -5.46 -13.90 -7.33
CA LEU B 12 -5.98 -14.71 -6.23
C LEU B 12 -5.22 -16.03 -6.11
N PHE B 13 -4.87 -16.64 -7.24
CA PHE B 13 -4.09 -17.87 -7.20
C PHE B 13 -2.74 -17.66 -6.49
N LEU B 14 -2.03 -16.55 -6.83
CA LEU B 14 -0.79 -16.21 -6.14
C LEU B 14 -1.01 -15.96 -4.66
N ILE B 15 -2.06 -15.22 -4.31
CA ILE B 15 -2.35 -15.01 -2.91
C ILE B 15 -2.50 -16.34 -2.19
N CYS B 16 -3.07 -17.35 -2.85
CA CYS B 16 -3.22 -18.65 -2.20
C CYS B 16 -1.87 -19.33 -2.02
N LEU B 17 -0.96 -19.17 -2.99
CA LEU B 17 0.39 -19.72 -2.83
C LEU B 17 1.14 -18.96 -1.76
N LEU B 18 1.01 -17.64 -1.75
CA LEU B 18 1.74 -16.84 -0.78
C LEU B 18 1.21 -17.10 0.62
N LEU B 19 -0.10 -17.33 0.76
CA LEU B 19 -0.63 -17.66 2.06
C LEU B 19 -0.03 -18.96 2.59
N LEU B 20 0.24 -19.93 1.70
CA LEU B 20 0.78 -21.21 2.13
C LEU B 20 2.21 -21.12 2.61
N CYS B 21 3.06 -20.36 1.90
CA CYS B 21 4.43 -20.22 2.35
C CYS B 21 4.53 -19.47 3.67
N ILE B 22 3.62 -18.51 3.89
CA ILE B 22 3.57 -17.86 5.19
C ILE B 22 3.24 -18.90 6.26
N ILE B 23 2.26 -19.75 5.99
CA ILE B 23 1.88 -20.79 6.94
C ILE B 23 3.04 -21.74 7.20
N PHE B 24 3.63 -22.28 6.14
CA PHE B 24 4.77 -23.17 6.29
C PHE B 24 5.87 -22.52 7.14
N MET B 25 6.19 -21.25 6.87
CA MET B 25 7.25 -20.57 7.60
C MET B 25 6.92 -20.48 9.08
N LEU B 26 5.70 -20.09 9.42
CA LEU B 26 5.31 -20.03 10.83
C LEU B 26 5.52 -21.38 11.51
N TYR B 27 5.27 -22.50 10.79
CA TYR B 27 5.56 -23.82 11.35
C TYR B 27 7.06 -24.02 11.56
N ARG B 28 7.88 -23.57 10.62
CA ARG B 28 9.33 -23.60 10.75
C ARG B 28 9.86 -22.77 11.92
N GLY B 29 8.98 -22.11 12.69
CA GLY B 29 9.32 -21.38 13.89
C GLY B 29 8.93 -22.07 15.19
N PRO C 2 -18.86 -15.65 -14.97
CA PRO C 2 -19.27 -17.05 -15.12
C PRO C 2 -18.22 -18.01 -14.58
N GLU C 3 -17.49 -18.67 -15.48
CA GLU C 3 -16.45 -19.62 -15.08
C GLU C 3 -15.37 -18.93 -14.25
N GLN C 4 -15.18 -17.64 -14.50
CA GLN C 4 -14.16 -16.87 -13.77
C GLN C 4 -14.63 -16.38 -12.41
N LEU C 5 -15.91 -16.06 -12.25
CA LEU C 5 -16.40 -15.79 -10.91
C LEU C 5 -16.30 -17.03 -10.03
N LYS C 6 -16.53 -18.20 -10.62
CA LYS C 6 -16.43 -19.47 -9.90
C LYS C 6 -15.02 -19.69 -9.37
N TRP C 7 -14.01 -19.38 -10.20
CA TRP C 7 -12.61 -19.50 -9.78
C TRP C 7 -12.30 -18.57 -8.62
N ILE C 8 -12.77 -17.32 -8.69
CA ILE C 8 -12.51 -16.38 -7.61
C ILE C 8 -13.12 -16.89 -6.32
N SER C 9 -14.40 -17.28 -6.39
CA SER C 9 -15.13 -17.79 -5.22
C SER C 9 -14.44 -18.99 -4.61
N PHE C 10 -13.97 -19.91 -5.45
CA PHE C 10 -13.08 -20.97 -4.98
C PHE C 10 -11.90 -20.41 -4.20
N CYS C 11 -11.10 -19.54 -4.85
CA CYS C 11 -9.87 -19.02 -4.26
C CYS C 11 -10.15 -18.31 -2.95
N LEU C 12 -11.13 -17.40 -2.96
CA LEU C 12 -11.58 -16.77 -1.72
C LEU C 12 -11.83 -17.79 -0.62
N PHE C 13 -12.51 -18.90 -0.98
CA PHE C 13 -12.73 -19.96 -0.01
C PHE C 13 -11.42 -20.49 0.53
N LEU C 14 -10.46 -20.78 -0.36
CA LEU C 14 -9.15 -21.27 0.04
C LEU C 14 -8.44 -20.29 0.93
N ILE C 15 -8.55 -19.00 0.61
CA ILE C 15 -7.88 -17.94 1.36
C ILE C 15 -8.40 -17.89 2.80
N CYS C 16 -9.74 -17.82 2.97
CA CYS C 16 -10.33 -17.81 4.31
C CYS C 16 -9.89 -19.01 5.12
N LEU C 17 -9.80 -20.18 4.49
CA LEU C 17 -9.43 -21.37 5.23
C LEU C 17 -7.99 -21.23 5.75
N LEU C 18 -7.11 -20.61 4.95
CA LEU C 18 -5.69 -20.45 5.29
C LEU C 18 -5.44 -19.26 6.23
N LEU C 19 -6.21 -18.18 6.11
CA LEU C 19 -6.15 -17.14 7.12
C LEU C 19 -6.51 -17.69 8.50
N LEU C 20 -7.50 -18.57 8.54
CA LEU C 20 -7.87 -19.24 9.77
C LEU C 20 -6.72 -20.09 10.31
N CYS C 21 -5.98 -20.75 9.42
CA CYS C 21 -4.89 -21.60 9.88
C CYS C 21 -3.83 -20.76 10.58
N ILE C 22 -3.39 -19.69 9.91
CA ILE C 22 -2.52 -18.68 10.50
C ILE C 22 -3.00 -18.28 11.89
N ILE C 23 -4.28 -17.86 11.98
CA ILE C 23 -4.82 -17.38 13.25
C ILE C 23 -4.68 -18.43 14.35
N PHE C 24 -5.02 -19.69 14.04
CA PHE C 24 -4.86 -20.72 15.06
C PHE C 24 -3.40 -21.01 15.38
N MET C 25 -2.47 -20.68 14.49
CA MET C 25 -1.06 -20.94 14.75
C MET C 25 -0.47 -19.86 15.64
N LEU C 26 -0.87 -18.60 15.45
CA LEU C 26 -0.42 -17.54 16.36
C LEU C 26 -1.05 -17.70 17.74
N TYR C 27 -2.37 -17.94 17.78
CA TYR C 27 -3.05 -18.33 19.01
C TYR C 27 -2.26 -19.42 19.77
N ARG C 28 -1.85 -20.46 19.03
CA ARG C 28 -1.17 -21.60 19.65
C ARG C 28 0.16 -21.19 20.26
N GLY C 29 0.98 -20.45 19.49
CA GLY C 29 2.30 -20.04 19.94
C GLY C 29 2.54 -18.53 19.92
N GLU D 3 -25.79 -12.96 -7.45
CA GLU D 3 -25.16 -14.21 -7.87
C GLU D 3 -24.11 -14.66 -6.87
N GLN D 4 -22.89 -14.88 -7.35
CA GLN D 4 -21.80 -15.33 -6.49
C GLN D 4 -21.15 -14.15 -5.78
N LEU D 5 -21.40 -12.96 -6.31
CA LEU D 5 -20.86 -11.70 -5.77
C LEU D 5 -21.26 -11.55 -4.31
N LYS D 6 -22.31 -12.26 -3.91
CA LYS D 6 -22.74 -12.25 -2.52
C LYS D 6 -21.73 -13.04 -1.71
N TRP D 7 -21.03 -13.97 -2.37
CA TRP D 7 -20.02 -14.80 -1.75
C TRP D 7 -18.68 -14.07 -1.67
N ILE D 8 -18.30 -13.40 -2.74
CA ILE D 8 -17.05 -12.64 -2.76
C ILE D 8 -17.15 -11.59 -1.67
N SER D 9 -18.19 -10.76 -1.76
CA SER D 9 -18.46 -9.76 -0.74
C SER D 9 -18.30 -10.36 0.64
N PHE D 10 -19.04 -11.43 0.92
CA PHE D 10 -19.00 -12.02 2.25
C PHE D 10 -17.59 -12.46 2.63
N CYS D 11 -16.90 -13.13 1.72
CA CYS D 11 -15.56 -13.66 2.00
C CYS D 11 -14.57 -12.55 2.29
N LEU D 12 -14.63 -11.47 1.49
CA LEU D 12 -13.88 -10.25 1.78
C LEU D 12 -14.24 -9.74 3.16
N PHE D 13 -15.51 -9.44 3.38
CA PHE D 13 -16.09 -9.07 4.67
C PHE D 13 -15.47 -9.95 5.77
N LEU D 14 -15.43 -11.26 5.52
CA LEU D 14 -14.86 -12.19 6.48
C LEU D 14 -13.35 -12.07 6.64
N ILE D 15 -12.64 -11.76 5.54
CA ILE D 15 -11.18 -11.71 5.63
C ILE D 15 -10.72 -10.55 6.51
N CYS D 16 -11.34 -9.37 6.35
CA CYS D 16 -11.04 -8.25 7.22
C CYS D 16 -11.23 -8.59 8.69
N LEU D 17 -12.33 -9.31 9.00
CA LEU D 17 -12.47 -9.88 10.34
C LEU D 17 -11.25 -10.66 10.74
N LEU D 18 -10.83 -11.62 9.91
CA LEU D 18 -9.72 -12.46 10.29
C LEU D 18 -8.42 -11.68 10.34
N LEU D 19 -8.28 -10.67 9.48
CA LEU D 19 -7.10 -9.80 9.53
C LEU D 19 -7.12 -8.89 10.76
N LEU D 20 -8.27 -8.31 11.09
CA LEU D 20 -8.37 -7.60 12.36
C LEU D 20 -7.93 -8.48 13.53
N CYS D 21 -8.32 -9.75 13.54
CA CYS D 21 -7.94 -10.63 14.64
C CYS D 21 -6.43 -10.80 14.72
N ILE D 22 -5.79 -11.03 13.56
CA ILE D 22 -4.33 -11.15 13.52
C ILE D 22 -3.68 -9.92 14.14
N ILE D 23 -4.28 -8.76 13.89
CA ILE D 23 -3.77 -7.52 14.47
C ILE D 23 -3.87 -7.57 15.98
N PHE D 24 -5.07 -7.85 16.50
CA PHE D 24 -5.29 -7.97 17.92
C PHE D 24 -4.27 -8.88 18.60
N MET D 25 -3.94 -10.00 17.98
CA MET D 25 -3.12 -11.00 18.63
C MET D 25 -1.63 -10.67 18.55
N LEU D 26 -1.22 -9.83 17.59
CA LEU D 26 0.13 -9.30 17.59
C LEU D 26 0.26 -8.13 18.54
N TYR D 27 -0.84 -7.44 18.84
CA TYR D 27 -0.85 -6.40 19.87
C TYR D 27 -0.92 -7.04 21.26
N ARG D 28 -2.08 -7.65 21.59
CA ARG D 28 -2.31 -8.26 22.90
C ARG D 28 -1.20 -9.26 23.27
N GLY D 29 -0.54 -9.85 22.29
CA GLY D 29 0.55 -10.77 22.55
C GLY D 29 1.89 -10.07 22.57
N GLN E 4 -22.60 -2.89 -5.04
CA GLN E 4 -21.96 -4.00 -4.34
C GLN E 4 -20.46 -3.96 -4.62
N LEU E 5 -20.09 -3.56 -5.83
CA LEU E 5 -18.69 -3.48 -6.22
C LEU E 5 -17.90 -2.60 -5.25
N LYS E 6 -18.51 -1.48 -4.86
CA LYS E 6 -17.88 -0.57 -3.92
C LYS E 6 -17.45 -1.37 -2.71
N TRP E 7 -18.33 -2.28 -2.26
CA TRP E 7 -18.03 -3.12 -1.12
C TRP E 7 -16.76 -3.90 -1.43
N ILE E 8 -16.67 -4.42 -2.65
CA ILE E 8 -15.51 -5.17 -3.09
C ILE E 8 -14.34 -4.20 -3.23
N SER E 9 -14.65 -2.93 -3.54
CA SER E 9 -13.62 -1.92 -3.69
C SER E 9 -13.26 -1.34 -2.33
N PHE E 10 -14.24 -1.28 -1.45
CA PHE E 10 -13.99 -0.73 -0.12
C PHE E 10 -13.17 -1.73 0.70
N CYS E 11 -13.65 -2.97 0.77
CA CYS E 11 -12.95 -4.02 1.49
C CYS E 11 -11.53 -4.25 0.97
N LEU E 12 -11.33 -4.18 -0.34
CA LEU E 12 -9.99 -4.35 -0.89
C LEU E 12 -9.05 -3.25 -0.39
N PHE E 13 -9.49 -2.01 -0.50
CA PHE E 13 -8.77 -0.91 0.11
C PHE E 13 -8.46 -1.22 1.57
N LEU E 14 -9.48 -1.65 2.31
CA LEU E 14 -9.33 -1.90 3.74
C LEU E 14 -8.29 -2.96 4.03
N ILE E 15 -8.13 -3.94 3.13
CA ILE E 15 -7.21 -5.04 3.44
C ILE E 15 -5.78 -4.56 3.32
N CYS E 16 -5.49 -3.79 2.27
CA CYS E 16 -4.15 -3.25 2.08
C CYS E 16 -3.70 -2.43 3.28
N LEU E 17 -4.58 -1.56 3.79
CA LEU E 17 -4.29 -0.88 5.04
C LEU E 17 -3.97 -1.90 6.13
N LEU E 18 -4.88 -2.87 6.34
CA LEU E 18 -4.70 -3.85 7.40
C LEU E 18 -3.41 -4.65 7.22
N LEU E 19 -2.97 -4.85 5.98
CA LEU E 19 -1.70 -5.51 5.77
C LEU E 19 -0.55 -4.59 6.14
N LEU E 20 -0.55 -3.36 5.60
CA LEU E 20 0.41 -2.33 6.01
C LEU E 20 0.46 -2.20 7.52
N CYS E 21 -0.70 -2.36 8.13
CA CYS E 21 -0.82 -2.30 9.59
C CYS E 21 -0.09 -3.50 10.19
N ILE E 22 -0.24 -4.68 9.58
CA ILE E 22 0.44 -5.86 10.09
C ILE E 22 1.94 -5.78 9.82
N ILE E 23 2.33 -5.31 8.64
CA ILE E 23 3.75 -5.14 8.35
C ILE E 23 4.37 -4.15 9.32
N PHE E 24 3.62 -3.15 9.79
CA PHE E 24 4.20 -2.24 10.78
C PHE E 24 4.51 -2.98 12.07
N MET E 25 3.57 -3.80 12.54
CA MET E 25 3.77 -4.46 13.82
C MET E 25 4.90 -5.46 13.77
N LEU E 26 5.11 -6.10 12.62
CA LEU E 26 6.24 -7.02 12.51
C LEU E 26 7.56 -6.26 12.45
N TYR E 27 7.56 -5.08 11.84
CA TYR E 27 8.70 -4.15 11.86
C TYR E 27 8.76 -3.30 13.14
N ARG E 28 7.96 -3.63 14.17
CA ARG E 28 7.93 -2.86 15.41
C ARG E 28 8.63 -3.57 16.57
N GLY E 29 8.74 -4.89 16.50
CA GLY E 29 9.49 -5.63 17.50
C GLY E 29 10.18 -6.86 16.92
N GLU F 3 15.08 -0.61 14.03
CA GLU F 3 13.80 -1.26 13.75
C GLU F 3 12.89 -0.32 12.97
N GLN F 4 12.64 0.89 13.50
CA GLN F 4 11.89 1.89 12.75
C GLN F 4 12.60 2.27 11.45
N LEU F 5 13.93 2.14 11.39
CA LEU F 5 14.63 2.43 10.14
C LEU F 5 14.14 1.56 8.99
N LYS F 6 13.94 0.27 9.27
CA LYS F 6 13.52 -0.64 8.20
C LYS F 6 12.07 -0.39 7.80
N TRP F 7 11.19 -0.08 8.77
CA TRP F 7 9.84 0.34 8.42
C TRP F 7 9.87 1.48 7.43
N ILE F 8 10.58 2.57 7.80
CA ILE F 8 10.74 3.72 6.92
C ILE F 8 11.18 3.28 5.53
N SER F 9 12.21 2.43 5.46
CA SER F 9 12.70 1.95 4.18
C SER F 9 11.64 1.16 3.44
N PHE F 10 10.80 0.42 4.16
CA PHE F 10 9.70 -0.24 3.49
C PHE F 10 8.78 0.77 2.82
N CYS F 11 8.06 1.56 3.63
CA CYS F 11 7.23 2.67 3.19
C CYS F 11 7.76 3.42 1.96
N LEU F 12 9.07 3.69 1.92
CA LEU F 12 9.63 4.49 0.84
C LEU F 12 9.61 3.72 -0.48
N PHE F 13 10.18 2.51 -0.50
CA PHE F 13 10.01 1.60 -1.62
C PHE F 13 8.55 1.53 -2.08
N LEU F 14 7.61 1.49 -1.12
CA LEU F 14 6.19 1.45 -1.46
C LEU F 14 5.74 2.73 -2.15
N ILE F 15 6.08 3.89 -1.57
CA ILE F 15 5.74 5.18 -2.18
C ILE F 15 6.33 5.28 -3.58
N CYS F 16 7.51 4.70 -3.80
CA CYS F 16 8.07 4.60 -5.14
C CYS F 16 7.16 3.84 -6.08
N LEU F 17 6.78 2.61 -5.69
CA LEU F 17 5.93 1.80 -6.54
C LEU F 17 4.58 2.47 -6.76
N LEU F 18 4.04 3.13 -5.72
CA LEU F 18 2.74 3.79 -5.87
C LEU F 18 2.84 4.98 -6.82
N LEU F 19 3.79 5.87 -6.56
CA LEU F 19 3.98 7.05 -7.40
C LEU F 19 4.17 6.63 -8.84
N LEU F 20 4.84 5.50 -9.04
CA LEU F 20 5.07 4.97 -10.38
C LEU F 20 3.75 4.54 -11.01
N CYS F 21 2.84 4.06 -10.17
CA CYS F 21 1.54 3.62 -10.63
C CYS F 21 0.78 4.82 -11.22
N ILE F 22 0.87 5.95 -10.54
CA ILE F 22 0.20 7.16 -11.00
C ILE F 22 0.64 7.48 -12.42
N ILE F 23 1.92 7.25 -12.70
CA ILE F 23 2.46 7.50 -14.03
C ILE F 23 1.80 6.57 -15.04
N PHE F 24 1.70 5.29 -14.68
CA PHE F 24 1.08 4.30 -15.55
C PHE F 24 -0.39 4.64 -15.74
N MET F 25 -1.00 5.22 -14.71
CA MET F 25 -2.40 5.60 -14.76
C MET F 25 -2.61 6.87 -15.58
N LEU F 26 -1.61 7.74 -15.57
CA LEU F 26 -1.68 9.00 -16.31
C LEU F 26 -1.34 8.79 -17.79
N TYR F 27 -0.62 7.72 -18.08
CA TYR F 27 -0.22 7.41 -19.45
C TYR F 27 -1.33 6.65 -20.18
N ARG F 28 -2.14 5.92 -19.41
CA ARG F 28 -3.23 5.15 -19.98
C ARG F 28 -4.38 6.05 -20.44
N GLY F 29 -4.18 7.37 -20.31
CA GLY F 29 -5.18 8.33 -20.70
C GLY F 29 -5.08 9.63 -19.92
N GLU G 3 23.63 1.27 6.65
CA GLU G 3 23.45 0.95 5.24
C GLU G 3 21.97 0.83 4.92
N GLN G 4 21.14 0.79 5.97
CA GLN G 4 19.73 1.04 5.77
C GLN G 4 19.50 2.46 5.24
N LEU G 5 20.32 3.42 5.69
CA LEU G 5 20.18 4.80 5.25
C LEU G 5 20.47 4.94 3.76
N LYS G 6 21.44 4.17 3.23
CA LYS G 6 21.75 4.29 1.80
C LYS G 6 20.51 4.11 0.94
N TRP G 7 19.65 3.13 1.28
CA TRP G 7 18.49 2.84 0.44
C TRP G 7 17.45 3.94 0.57
N ILE G 8 17.20 4.43 1.78
CA ILE G 8 16.33 5.58 1.97
C ILE G 8 16.76 6.73 1.07
N SER G 9 18.08 6.94 0.97
CA SER G 9 18.62 8.03 0.16
C SER G 9 18.44 7.74 -1.33
N PHE G 10 18.66 6.51 -1.76
CA PHE G 10 18.33 6.18 -3.13
C PHE G 10 16.83 6.28 -3.41
N CYS G 11 15.99 6.00 -2.41
CA CYS G 11 14.54 6.03 -2.62
C CYS G 11 14.02 7.45 -2.77
N LEU G 12 14.49 8.35 -1.91
CA LEU G 12 14.09 9.76 -2.04
C LEU G 12 14.50 10.32 -3.40
N PHE G 13 15.68 9.95 -3.89
CA PHE G 13 16.10 10.41 -5.21
C PHE G 13 15.12 9.96 -6.30
N LEU G 14 14.71 8.67 -6.26
CA LEU G 14 13.69 8.19 -7.20
C LEU G 14 12.37 8.93 -7.05
N ILE G 15 11.92 9.14 -5.81
CA ILE G 15 10.69 9.89 -5.62
C ILE G 15 10.80 11.26 -6.30
N CYS G 16 11.98 11.88 -6.29
CA CYS G 16 12.12 13.17 -6.94
C CYS G 16 12.04 13.05 -8.45
N LEU G 17 12.60 11.96 -9.01
CA LEU G 17 12.45 11.73 -10.45
C LEU G 17 11.02 11.41 -10.81
N LEU G 18 10.38 10.58 -10.00
CA LEU G 18 9.00 10.18 -10.22
C LEU G 18 8.08 11.39 -10.15
N LEU G 19 8.35 12.28 -9.21
CA LEU G 19 7.53 13.47 -9.07
C LEU G 19 7.62 14.33 -10.33
N LEU G 20 8.80 14.36 -10.96
CA LEU G 20 8.99 15.19 -12.16
C LEU G 20 8.23 14.69 -13.37
N CYS G 21 8.24 13.37 -13.57
CA CYS G 21 7.55 12.76 -14.69
C CYS G 21 6.05 13.05 -14.55
N ILE G 22 5.54 12.89 -13.33
CA ILE G 22 4.14 13.15 -13.05
C ILE G 22 3.84 14.59 -13.46
N ILE G 23 4.71 15.51 -13.07
CA ILE G 23 4.51 16.92 -13.41
C ILE G 23 4.53 17.11 -14.92
N PHE G 24 5.58 16.61 -15.58
CA PHE G 24 5.66 16.71 -17.03
C PHE G 24 4.40 16.17 -17.70
N MET G 25 3.92 15.00 -17.26
CA MET G 25 2.73 14.41 -17.87
C MET G 25 1.52 15.29 -17.72
N LEU G 26 1.29 15.83 -16.52
CA LEU G 26 0.17 16.75 -16.33
C LEU G 26 0.24 17.92 -17.31
N TYR G 27 1.44 18.41 -17.62
CA TYR G 27 1.61 19.45 -18.64
C TYR G 27 1.20 18.94 -20.03
N ARG G 28 1.60 17.72 -20.35
CA ARG G 28 1.21 17.07 -21.60
C ARG G 28 -0.30 16.87 -21.73
N GLY G 29 -1.09 17.29 -20.73
CA GLY G 29 -2.55 17.25 -20.77
C GLY G 29 -3.21 18.62 -20.97
N GLU H 3 26.17 13.49 6.61
CA GLU H 3 26.13 13.70 5.17
C GLU H 3 24.87 13.11 4.53
N GLN H 4 24.39 11.98 5.04
CA GLN H 4 23.19 11.33 4.54
C GLN H 4 21.90 11.98 5.01
N LEU H 5 21.86 12.49 6.25
CA LEU H 5 20.70 13.27 6.65
C LEU H 5 20.58 14.53 5.80
N LYS H 6 21.71 15.13 5.43
CA LYS H 6 21.73 16.32 4.57
C LYS H 6 21.11 16.03 3.21
N TRP H 7 21.43 14.86 2.64
CA TRP H 7 20.85 14.46 1.35
C TRP H 7 19.34 14.30 1.46
N ILE H 8 18.87 13.65 2.53
CA ILE H 8 17.44 13.46 2.69
C ILE H 8 16.74 14.80 2.78
N SER H 9 17.26 15.68 3.64
CA SER H 9 16.70 17.02 3.85
C SER H 9 16.65 17.81 2.55
N PHE H 10 17.72 17.74 1.77
CA PHE H 10 17.68 18.26 0.40
C PHE H 10 16.50 17.69 -0.38
N CYS H 11 16.44 16.36 -0.50
CA CYS H 11 15.43 15.69 -1.32
C CYS H 11 14.03 16.06 -0.87
N LEU H 12 13.77 15.94 0.43
CA LEU H 12 12.50 16.40 1.01
C LEU H 12 12.17 17.81 0.55
N PHE H 13 13.16 18.71 0.55
CA PHE H 13 12.93 20.06 0.06
C PHE H 13 12.48 20.04 -1.39
N LEU H 14 13.18 19.27 -2.23
CA LEU H 14 12.82 19.16 -3.64
C LEU H 14 11.42 18.61 -3.81
N ILE H 15 11.07 17.62 -2.99
CA ILE H 15 9.75 16.96 -3.07
C ILE H 15 8.64 17.95 -2.77
N CYS H 16 8.73 18.69 -1.65
CA CYS H 16 7.73 19.71 -1.30
C CYS H 16 7.58 20.71 -2.41
N LEU H 17 8.67 21.12 -3.03
CA LEU H 17 8.57 22.13 -4.07
C LEU H 17 7.77 21.59 -5.25
N LEU H 18 7.95 20.29 -5.57
CA LEU H 18 7.29 19.65 -6.70
C LEU H 18 5.85 19.22 -6.39
N LEU H 19 5.56 18.81 -5.15
CA LEU H 19 4.17 18.62 -4.76
C LEU H 19 3.38 19.92 -4.93
N LEU H 20 4.00 21.04 -4.57
CA LEU H 20 3.38 22.34 -4.77
C LEU H 20 3.13 22.61 -6.24
N CYS H 21 4.06 22.22 -7.11
CA CYS H 21 3.85 22.48 -8.53
C CYS H 21 2.64 21.74 -9.05
N ILE H 22 2.57 20.45 -8.77
CA ILE H 22 1.38 19.63 -9.03
C ILE H 22 0.11 20.34 -8.57
N ILE H 23 0.09 20.76 -7.29
CA ILE H 23 -1.10 21.39 -6.73
C ILE H 23 -1.51 22.61 -7.53
N PHE H 24 -0.56 23.47 -7.89
CA PHE H 24 -0.91 24.64 -8.70
C PHE H 24 -1.34 24.27 -10.10
N MET H 25 -0.96 23.09 -10.60
CA MET H 25 -1.34 22.69 -11.95
C MET H 25 -2.76 22.13 -11.97
N LEU H 26 -3.15 21.38 -10.94
CA LEU H 26 -4.54 20.94 -10.86
C LEU H 26 -5.48 22.10 -10.58
N TYR H 27 -5.12 22.95 -9.60
CA TYR H 27 -5.81 24.21 -9.40
C TYR H 27 -6.05 24.95 -10.72
N ARG H 28 -5.00 25.06 -11.54
CA ARG H 28 -5.07 25.81 -12.80
C ARG H 28 -6.07 25.17 -13.76
N GLY H 29 -5.96 23.86 -13.96
CA GLY H 29 -6.83 23.15 -14.89
C GLY H 29 -7.63 22.00 -14.28
N GLU I 3 17.58 18.98 15.34
CA GLU I 3 18.60 18.73 14.32
C GLU I 3 17.95 18.58 12.94
N GLN I 4 18.61 17.83 12.06
CA GLN I 4 18.11 17.60 10.72
C GLN I 4 16.77 16.88 10.73
N LEU I 5 16.57 16.05 11.75
CA LEU I 5 15.32 15.30 11.88
C LEU I 5 14.12 16.23 11.89
N LYS I 6 14.20 17.30 12.68
CA LYS I 6 13.12 18.26 12.75
C LYS I 6 12.67 18.75 11.38
N TRP I 7 13.66 19.14 10.56
CA TRP I 7 13.37 19.63 9.21
C TRP I 7 12.68 18.54 8.39
N ILE I 8 12.99 17.29 8.70
CA ILE I 8 12.41 16.15 8.01
C ILE I 8 11.01 15.90 8.57
N SER I 9 10.89 15.94 9.90
CA SER I 9 9.61 15.75 10.56
C SER I 9 8.63 16.79 10.05
N PHE I 10 9.14 17.99 9.80
CA PHE I 10 8.32 19.09 9.29
C PHE I 10 7.93 18.88 7.84
N CYS I 11 8.89 18.48 7.00
CA CYS I 11 8.65 18.31 5.57
C CYS I 11 7.64 17.21 5.30
N LEU I 12 7.77 16.09 6.02
CA LEU I 12 6.76 15.04 6.01
C LEU I 12 5.39 15.59 6.39
N PHE I 13 5.29 16.15 7.60
CA PHE I 13 4.12 16.86 8.11
C PHE I 13 3.55 17.76 7.01
N LEU I 14 4.43 18.47 6.32
CA LEU I 14 4.00 19.36 5.24
C LEU I 14 3.51 18.59 4.03
N ILE I 15 4.11 17.45 3.73
CA ILE I 15 3.72 16.72 2.51
C ILE I 15 2.30 16.16 2.67
N CYS I 16 1.97 15.60 3.83
CA CYS I 16 0.60 15.15 4.08
C CYS I 16 -0.41 16.27 3.87
N LEU I 17 -0.08 17.47 4.37
CA LEU I 17 -0.88 18.65 4.04
C LEU I 17 -1.08 18.77 2.53
N LEU I 18 0.02 18.76 1.79
CA LEU I 18 -0.10 18.98 0.35
C LEU I 18 -0.81 17.81 -0.32
N LEU I 19 -0.64 16.59 0.21
CA LEU I 19 -1.36 15.44 -0.32
C LEU I 19 -2.84 15.49 0.04
N LEU I 20 -3.18 15.86 1.27
CA LEU I 20 -4.58 16.12 1.59
C LEU I 20 -5.21 17.11 0.61
N CYS I 21 -4.49 18.17 0.25
CA CYS I 21 -5.05 19.16 -0.67
C CYS I 21 -5.34 18.55 -2.02
N ILE I 22 -4.39 17.76 -2.55
CA ILE I 22 -4.59 17.09 -3.83
C ILE I 22 -5.86 16.25 -3.79
N ILE I 23 -6.13 15.64 -2.63
CA ILE I 23 -7.34 14.85 -2.47
C ILE I 23 -8.56 15.74 -2.59
N PHE I 24 -8.60 16.81 -1.80
CA PHE I 24 -9.69 17.78 -1.84
C PHE I 24 -10.01 18.23 -3.27
N MET I 25 -8.99 18.49 -4.06
CA MET I 25 -9.19 19.09 -5.37
C MET I 25 -9.60 18.07 -6.43
N LEU I 26 -9.31 16.80 -6.20
CA LEU I 26 -9.85 15.75 -7.04
C LEU I 26 -11.28 15.40 -6.65
N TYR I 27 -11.65 15.64 -5.38
CA TYR I 27 -13.04 15.51 -4.94
C TYR I 27 -13.86 16.71 -5.38
N ARG I 28 -13.58 17.89 -4.78
CA ARG I 28 -14.33 19.12 -5.08
C ARG I 28 -14.36 19.43 -6.58
N GLY I 29 -13.37 18.97 -7.33
CA GLY I 29 -13.35 19.17 -8.77
C GLY I 29 -14.00 18.03 -9.51
N GLN J 4 11.15 10.50 18.35
CA GLN J 4 10.78 11.37 17.25
C GLN J 4 10.55 10.56 15.97
N LEU J 5 11.20 9.41 15.88
CA LEU J 5 11.07 8.55 14.72
C LEU J 5 9.63 8.06 14.54
N LYS J 6 8.94 7.87 15.66
CA LYS J 6 7.56 7.40 15.64
C LYS J 6 6.70 8.27 14.71
N TRP J 7 6.97 9.58 14.73
CA TRP J 7 6.22 10.51 13.89
C TRP J 7 6.64 10.43 12.43
N ILE J 8 7.95 10.30 12.18
CA ILE J 8 8.41 9.97 10.84
C ILE J 8 7.83 8.64 10.36
N SER J 9 7.78 7.65 11.27
CA SER J 9 7.17 6.37 10.94
C SER J 9 5.69 6.51 10.66
N PHE J 10 4.99 7.34 11.43
CA PHE J 10 3.55 7.45 11.24
C PHE J 10 3.20 8.29 10.02
N CYS J 11 3.87 9.43 9.83
CA CYS J 11 3.65 10.20 8.61
C CYS J 11 3.90 9.37 7.36
N LEU J 12 4.92 8.52 7.38
CA LEU J 12 5.19 7.65 6.23
C LEU J 12 4.03 6.71 5.99
N PHE J 13 3.57 6.02 7.03
CA PHE J 13 2.35 5.24 6.94
C PHE J 13 1.23 6.08 6.35
N LEU J 14 1.04 7.28 6.88
CA LEU J 14 -0.06 8.14 6.45
C LEU J 14 0.02 8.48 4.98
N ILE J 15 1.23 8.59 4.42
CA ILE J 15 1.35 9.02 3.04
C ILE J 15 0.90 7.91 2.10
N CYS J 16 1.34 6.68 2.39
CA CYS J 16 0.93 5.53 1.59
C CYS J 16 -0.58 5.40 1.51
N LEU J 17 -1.25 5.53 2.66
CA LEU J 17 -2.71 5.59 2.63
C LEU J 17 -3.17 6.69 1.69
N LEU J 18 -2.66 7.92 1.91
CA LEU J 18 -3.09 9.06 1.11
C LEU J 18 -2.81 8.85 -0.38
N LEU J 19 -1.76 8.10 -0.70
CA LEU J 19 -1.51 7.79 -2.10
C LEU J 19 -2.52 6.78 -2.62
N LEU J 20 -2.68 5.68 -1.89
CA LEU J 20 -3.64 4.65 -2.27
C LEU J 20 -5.01 5.28 -2.49
N CYS J 21 -5.31 6.29 -1.70
CA CYS J 21 -6.58 6.99 -1.80
C CYS J 21 -6.65 7.73 -3.13
N ILE J 22 -5.63 8.53 -3.42
CA ILE J 22 -5.56 9.28 -4.66
C ILE J 22 -5.66 8.31 -5.84
N ILE J 23 -4.97 7.18 -5.72
CA ILE J 23 -4.99 6.15 -6.75
C ILE J 23 -6.43 5.68 -6.88
N PHE J 24 -7.17 5.64 -5.76
CA PHE J 24 -8.59 5.27 -5.87
C PHE J 24 -9.35 6.29 -6.69
N MET J 25 -9.14 7.57 -6.39
CA MET J 25 -9.92 8.61 -7.05
C MET J 25 -9.61 8.68 -8.53
N LEU J 26 -8.36 8.40 -8.92
CA LEU J 26 -8.03 8.38 -10.33
C LEU J 26 -8.64 7.17 -11.03
N TYR J 27 -8.73 6.04 -10.32
CA TYR J 27 -9.45 4.85 -10.78
C TYR J 27 -10.96 4.94 -10.53
N ARG J 28 -11.49 6.11 -10.15
CA ARG J 28 -12.92 6.27 -9.86
C ARG J 28 -13.67 7.01 -10.96
N GLY J 29 -12.97 7.81 -11.76
CA GLY J 29 -13.58 8.47 -12.90
C GLY J 29 -12.62 8.63 -14.07
#